data_6RS9
#
_entry.id   6RS9
#
_cell.length_a   35.410
_cell.length_b   72.790
_cell.length_c   78.590
_cell.angle_alpha   90.00
_cell.angle_beta   90.00
_cell.angle_gamma   90.00
#
_symmetry.space_group_name_H-M   'P 21 21 21'
#
loop_
_entity.id
_entity.type
_entity.pdbx_description
1 polymer AA9
2 branched 2-acetamido-2-deoxy-beta-D-glucopyranose-(1-4)-2-acetamido-2-deoxy-beta-D-glucopyranose
3 branched beta-D-xylopyranose-(1-4)-beta-D-xylopyranose-(1-4)-beta-D-xylopyranose-(1-4)-beta-D-xylopyranose
4 non-polymer alpha-D-mannopyranose
5 non-polymer BICINE
6 water water
#
_entity_poly.entity_id   1
_entity_poly.type   'polypeptide(L)'
_entity_poly.pdbx_seq_one_letter_code
;RTVFSSLTVNGVDLGQGVAVRVPSSNAPVTDIESDDIICNTGFIQPVSKTVAAVPAGGTVIAHFHHTSAGYVGPDPSDPL
DPTNKGPVLAYLAKVPDATQSDVTGLKWFKIWQDGYTPATRQWGSDKLFINGGNATFTIPSCLQAGQYLLRVESISLLNA
EQYPGAQFFLSCGQINITGGNKVQPVGVDFPGAYTSTDPGIVTDIYEVGTYTPPGPAVFSC
;
_entity_poly.pdbx_strand_id   A
#
loop_
_chem_comp.id
_chem_comp.type
_chem_comp.name
_chem_comp.formula
BCN non-polymer BICINE 'C6 H13 N O4'
MAN D-saccharide, alpha linking alpha-D-mannopyranose 'C6 H12 O6'
NAG D-saccharide, beta linking 2-acetamido-2-deoxy-beta-D-glucopyranose 'C8 H15 N O6'
XYP D-saccharide, beta linking beta-D-xylopyranose 'C5 H10 O5'
#
# COMPACT_ATOMS: atom_id res chain seq x y z
N ARG A 1 11.98 7.63 -0.39
CA ARG A 1 12.05 6.30 -0.99
C ARG A 1 11.83 5.23 0.07
N THR A 2 10.92 4.28 -0.28
CA THR A 2 10.56 3.22 0.63
C THR A 2 9.96 2.07 -0.19
N VAL A 3 9.97 0.86 0.38
CA VAL A 3 9.46 -0.34 -0.29
C VAL A 3 8.76 -1.20 0.72
N PHE A 4 7.53 -1.61 0.37
CA PHE A 4 6.77 -2.62 1.08
C PHE A 4 7.26 -4.01 0.62
N SER A 5 7.87 -4.78 1.53
CA SER A 5 8.50 -6.03 1.12
C SER A 5 8.27 -7.23 2.02
N SER A 6 7.45 -7.11 3.08
CA SER A 6 7.14 -8.27 3.92
C SER A 6 5.84 -8.02 4.68
N LEU A 7 5.29 -9.14 5.18
CA LEU A 7 4.00 -9.19 5.86
C LEU A 7 4.13 -9.89 7.21
N THR A 8 3.28 -9.45 8.14
CA THR A 8 2.98 -10.17 9.35
C THR A 8 1.47 -10.39 9.39
N VAL A 9 1.02 -11.59 9.74
CA VAL A 9 -0.40 -11.91 9.78
C VAL A 9 -0.71 -12.47 11.18
N ASN A 10 -1.57 -11.76 11.93
CA ASN A 10 -1.95 -12.08 13.31
C ASN A 10 -0.68 -12.43 14.12
N GLY A 11 0.31 -11.56 14.04
CA GLY A 11 1.54 -11.65 14.85
C GLY A 11 2.58 -12.62 14.32
N VAL A 12 2.33 -13.27 13.19
CA VAL A 12 3.33 -14.18 12.65
C VAL A 12 4.00 -13.52 11.43
N ASP A 13 5.31 -13.35 11.50
CA ASP A 13 6.10 -12.80 10.43
C ASP A 13 6.30 -13.85 9.35
N LEU A 14 5.92 -13.54 8.10
CA LEU A 14 6.05 -14.54 7.03
C LEU A 14 7.46 -14.67 6.46
N GLY A 15 8.26 -13.61 6.57
CA GLY A 15 9.62 -13.65 6.03
C GLY A 15 9.86 -12.63 4.91
N GLN A 16 11.13 -12.20 4.77
CA GLN A 16 11.44 -11.18 3.83
C GLN A 16 11.05 -11.61 2.41
N GLY A 17 10.23 -10.77 1.76
CA GLY A 17 9.84 -11.03 0.38
C GLY A 17 8.71 -12.06 0.20
N VAL A 18 8.29 -12.70 1.29
CA VAL A 18 7.30 -13.80 1.18
C VAL A 18 5.91 -13.22 0.96
N ALA A 19 5.25 -13.72 -0.11
CA ALA A 19 3.88 -13.34 -0.44
C ALA A 19 3.78 -11.86 -0.83
N VAL A 20 4.91 -11.24 -1.27
CA VAL A 20 4.90 -9.88 -1.75
C VAL A 20 5.68 -9.83 -3.07
N ARG A 21 5.16 -9.11 -4.08
CA ARG A 21 5.86 -8.87 -5.32
C ARG A 21 6.75 -7.65 -5.09
N VAL A 22 8.03 -7.92 -4.77
CA VAL A 22 8.88 -6.84 -4.26
C VAL A 22 9.53 -6.13 -5.42
N PRO A 23 9.32 -4.83 -5.60
CA PRO A 23 10.06 -4.12 -6.66
C PRO A 23 11.56 -4.14 -6.36
N SER A 24 12.39 -4.26 -7.40
CA SER A 24 13.86 -4.29 -7.24
CA SER A 24 13.85 -4.31 -7.16
C SER A 24 14.42 -2.95 -6.79
N SER A 25 13.72 -1.88 -7.14
CA SER A 25 14.11 -0.52 -6.87
C SER A 25 13.18 0.10 -5.85
N ASN A 26 13.74 1.04 -5.08
CA ASN A 26 12.95 1.93 -4.26
C ASN A 26 12.60 3.22 -5.01
N ALA A 27 12.84 3.27 -6.32
CA ALA A 27 12.37 4.39 -7.11
C ALA A 27 10.84 4.43 -7.13
N PRO A 28 10.29 5.65 -7.07
CA PRO A 28 8.86 5.80 -7.08
C PRO A 28 8.26 5.56 -8.46
N VAL A 29 7.00 5.14 -8.40
CA VAL A 29 6.10 5.32 -9.53
C VAL A 29 5.64 6.77 -9.51
N THR A 30 5.65 7.41 -10.68
CA THR A 30 5.17 8.80 -10.78
C THR A 30 4.07 8.99 -11.82
N ASP A 31 3.87 8.00 -12.68
CA ASP A 31 2.86 8.06 -13.74
C ASP A 31 1.61 7.27 -13.29
N ILE A 32 0.59 8.03 -12.88
CA ILE A 32 -0.65 7.43 -12.37
C ILE A 32 -1.49 6.82 -13.49
N GLU A 33 -1.09 7.04 -14.75
CA GLU A 33 -1.80 6.46 -15.89
C GLU A 33 -1.14 5.15 -16.37
N SER A 34 0.04 4.86 -15.81
CA SER A 34 0.81 3.63 -16.11
C SER A 34 0.23 2.44 -15.34
N ASP A 35 0.29 1.25 -15.94
CA ASP A 35 0.00 0.01 -15.20
C ASP A 35 0.95 -0.18 -14.00
N ASP A 36 2.04 0.59 -13.94
CA ASP A 36 2.97 0.55 -12.79
C ASP A 36 2.23 1.04 -11.52
N ILE A 37 1.17 1.84 -11.65
CA ILE A 37 0.45 2.33 -10.48
C ILE A 37 -0.31 1.19 -9.79
N ILE A 38 -0.50 0.05 -10.49
CA ILE A 38 -1.29 -1.05 -9.88
C ILE A 38 -0.49 -1.74 -8.76
N CYS A 39 0.65 -2.34 -9.15
CA CYS A 39 1.44 -3.12 -8.21
C CYS A 39 2.94 -2.82 -8.37
N ASN A 40 3.28 -1.65 -8.93
CA ASN A 40 4.73 -1.30 -9.17
C ASN A 40 5.25 -2.19 -10.33
N THR A 41 6.58 -2.26 -10.46
CA THR A 41 7.20 -2.97 -11.57
C THR A 41 8.59 -3.47 -11.18
N GLY A 42 9.20 -4.28 -12.06
CA GLY A 42 10.58 -4.65 -11.92
C GLY A 42 10.82 -5.49 -10.69
N PHE A 43 9.99 -6.53 -10.51
CA PHE A 43 10.02 -7.31 -9.32
C PHE A 43 11.30 -8.16 -9.26
N ILE A 44 11.72 -8.39 -8.00
CA ILE A 44 12.81 -9.29 -7.72
C ILE A 44 12.34 -10.68 -8.14
N GLN A 45 13.13 -11.35 -8.97
CA GLN A 45 12.75 -12.64 -9.49
C GLN A 45 13.57 -13.72 -8.80
N PRO A 46 12.99 -14.91 -8.61
CA PRO A 46 11.62 -15.23 -8.98
C PRO A 46 10.64 -14.71 -7.93
N VAL A 47 9.46 -14.27 -8.39
CA VAL A 47 8.51 -13.71 -7.47
C VAL A 47 7.92 -14.82 -6.59
N SER A 48 7.74 -14.50 -5.30
CA SER A 48 7.15 -15.42 -4.34
C SER A 48 5.86 -16.07 -4.88
N LYS A 49 5.78 -17.39 -4.68
CA LYS A 49 4.55 -18.16 -4.95
C LYS A 49 3.80 -18.47 -3.66
N THR A 50 4.12 -17.77 -2.57
CA THR A 50 3.36 -17.93 -1.33
C THR A 50 2.15 -17.00 -1.35
N VAL A 51 1.02 -17.54 -0.87
CA VAL A 51 -0.18 -16.79 -0.72
C VAL A 51 -0.57 -16.92 0.75
N ALA A 52 -0.49 -15.78 1.46
CA ALA A 52 -0.65 -15.79 2.91
C ALA A 52 -2.13 -15.98 3.27
N ALA A 53 -2.45 -17.03 4.06
CA ALA A 53 -3.81 -17.21 4.59
C ALA A 53 -4.07 -16.21 5.71
N VAL A 54 -5.15 -15.43 5.59
CA VAL A 54 -5.48 -14.40 6.53
CA VAL A 54 -5.47 -14.47 6.62
C VAL A 54 -6.96 -14.54 6.87
N PRO A 55 -7.36 -14.73 8.14
CA PRO A 55 -8.79 -14.71 8.45
C PRO A 55 -9.38 -13.30 8.18
N ALA A 56 -10.61 -13.27 7.63
CA ALA A 56 -11.34 -12.02 7.63
C ALA A 56 -11.44 -11.55 9.09
N GLY A 57 -11.18 -10.26 9.32
CA GLY A 57 -11.12 -9.73 10.64
C GLY A 57 -9.70 -9.71 11.22
N GLY A 58 -8.73 -10.34 10.55
CA GLY A 58 -7.38 -10.48 11.08
C GLY A 58 -6.57 -9.21 10.90
N THR A 59 -5.54 -9.10 11.71
CA THR A 59 -4.63 -7.98 11.69
C THR A 59 -3.41 -8.29 10.82
N VAL A 60 -3.17 -7.41 9.85
CA VAL A 60 -2.00 -7.52 8.97
C VAL A 60 -1.08 -6.35 9.23
N ILE A 61 0.23 -6.62 9.13
CA ILE A 61 1.20 -5.56 9.06
C ILE A 61 1.91 -5.67 7.71
N ALA A 62 1.84 -4.59 6.94
CA ALA A 62 2.65 -4.45 5.76
C ALA A 62 3.92 -3.68 6.18
N HIS A 63 5.07 -4.31 5.92
CA HIS A 63 6.36 -3.75 6.35
C HIS A 63 7.02 -2.97 5.21
N PHE A 64 7.29 -1.68 5.49
CA PHE A 64 8.07 -0.82 4.64
C PHE A 64 9.48 -0.67 5.26
N HIS A 65 10.43 -0.65 4.33
CA HIS A 65 11.82 -0.31 4.65
C HIS A 65 12.36 0.57 3.53
N HIS A 66 13.55 1.15 3.79
CA HIS A 66 14.09 2.06 2.84
C HIS A 66 14.39 1.42 1.49
N THR A 67 14.93 0.21 1.52
CA THR A 67 15.33 -0.48 0.32
C THR A 67 14.52 -1.77 0.16
N SER A 68 14.64 -2.37 -1.03
CA SER A 68 13.95 -3.59 -1.35
CA SER A 68 13.95 -3.61 -1.35
C SER A 68 14.49 -4.80 -0.55
N ALA A 69 15.61 -4.64 0.18
CA ALA A 69 16.16 -5.72 0.95
C ALA A 69 15.45 -5.93 2.29
N GLY A 70 14.63 -4.98 2.73
CA GLY A 70 14.04 -5.12 4.03
C GLY A 70 14.97 -4.51 5.08
N TYR A 71 14.92 -5.08 6.27
CA TYR A 71 15.71 -4.53 7.34
C TYR A 71 17.17 -4.95 7.24
N VAL A 72 18.05 -3.94 7.19
CA VAL A 72 19.50 -4.21 7.15
C VAL A 72 20.22 -3.36 8.19
N GLY A 73 19.57 -3.16 9.33
CA GLY A 73 20.17 -2.42 10.42
C GLY A 73 19.83 -0.95 10.37
N PRO A 74 20.32 -0.19 11.36
CA PRO A 74 20.03 1.24 11.45
C PRO A 74 20.27 2.03 10.17
N ASP A 75 19.37 2.97 9.91
CA ASP A 75 19.39 3.78 8.77
C ASP A 75 18.45 4.94 9.07
N PRO A 76 18.91 6.22 9.03
CA PRO A 76 18.06 7.34 9.41
C PRO A 76 16.92 7.56 8.42
N SER A 77 17.01 6.92 7.25
CA SER A 77 15.91 7.01 6.26
C SER A 77 15.15 5.69 6.13
N ASP A 78 15.17 4.87 7.17
CA ASP A 78 14.38 3.59 7.23
C ASP A 78 13.31 3.82 8.28
N PRO A 79 12.01 3.67 7.94
CA PRO A 79 11.54 3.11 6.68
C PRO A 79 11.52 4.10 5.51
N LEU A 80 11.49 5.38 5.83
CA LEU A 80 11.55 6.44 4.83
C LEU A 80 12.24 7.66 5.46
N ASP A 81 12.67 8.61 4.62
CA ASP A 81 13.16 9.89 5.14
C ASP A 81 11.91 10.68 5.55
N PRO A 82 11.75 10.99 6.84
CA PRO A 82 10.48 11.55 7.27
C PRO A 82 10.25 13.00 6.83
N THR A 83 11.19 13.60 6.08
CA THR A 83 10.86 14.86 5.42
C THR A 83 9.80 14.63 4.32
N ASN A 84 9.66 13.37 3.87
CA ASN A 84 8.70 12.96 2.82
C ASN A 84 7.32 12.75 3.41
N LYS A 85 6.58 13.85 3.55
CA LYS A 85 5.25 13.82 4.13
C LYS A 85 4.22 13.31 3.09
N GLY A 86 3.33 12.46 3.62
CA GLY A 86 2.22 12.04 2.82
C GLY A 86 1.42 10.96 3.51
N PRO A 87 0.35 10.48 2.82
CA PRO A 87 -0.51 9.42 3.33
C PRO A 87 0.04 8.00 3.11
N VAL A 88 -0.56 7.07 3.84
CA VAL A 88 -0.37 5.64 3.63
C VAL A 88 -1.78 5.05 3.40
N LEU A 89 -1.83 4.15 2.45
CA LEU A 89 -3.17 3.58 2.02
C LEU A 89 -3.04 2.08 1.81
N ALA A 90 -4.17 1.36 1.99
CA ALA A 90 -4.21 -0.05 1.68
C ALA A 90 -5.50 -0.40 0.94
N TYR A 91 -5.37 -1.20 -0.08
CA TYR A 91 -6.52 -1.65 -0.92
C TYR A 91 -6.47 -3.15 -1.09
N LEU A 92 -7.68 -3.74 -1.34
CA LEU A 92 -7.76 -5.11 -1.74
C LEU A 92 -8.42 -5.21 -3.12
N ALA A 93 -8.05 -6.24 -3.88
CA ALA A 93 -8.85 -6.61 -5.08
C ALA A 93 -8.97 -8.12 -5.10
N LYS A 94 -10.22 -8.60 -5.38
CA LYS A 94 -10.42 -10.00 -5.51
C LYS A 94 -9.80 -10.45 -6.83
N VAL A 95 -9.11 -11.58 -6.82
CA VAL A 95 -8.44 -12.17 -7.99
C VAL A 95 -8.71 -13.66 -8.04
N PRO A 96 -8.74 -14.26 -9.24
CA PRO A 96 -8.87 -15.71 -9.36
C PRO A 96 -7.71 -16.46 -8.69
N ASP A 97 -6.52 -15.89 -8.80
CA ASP A 97 -5.33 -16.55 -8.32
C ASP A 97 -4.36 -15.46 -7.90
N ALA A 98 -3.98 -15.40 -6.62
CA ALA A 98 -3.09 -14.31 -6.11
C ALA A 98 -1.66 -14.43 -6.65
N THR A 99 -1.34 -15.50 -7.39
CA THR A 99 -0.05 -15.60 -8.08
C THR A 99 -0.17 -15.28 -9.58
N GLN A 100 -1.33 -14.86 -10.06
CA GLN A 100 -1.46 -14.60 -11.50
C GLN A 100 -0.61 -13.40 -11.90
N SER A 101 -0.01 -13.46 -13.11
CA SER A 101 0.89 -12.39 -13.55
C SER A 101 0.15 -11.09 -13.87
N ASP A 102 -1.06 -11.20 -14.44
CA ASP A 102 -1.76 -10.05 -14.98
C ASP A 102 -2.56 -9.40 -13.85
N VAL A 103 -2.22 -8.15 -13.50
CA VAL A 103 -2.92 -7.44 -12.45
C VAL A 103 -3.79 -6.31 -13.02
N THR A 104 -3.95 -6.27 -14.36
CA THR A 104 -4.81 -5.29 -14.92
C THR A 104 -6.27 -5.72 -14.86
N GLY A 105 -7.13 -4.72 -14.92
CA GLY A 105 -8.57 -4.94 -14.96
C GLY A 105 -9.15 -5.52 -13.67
N LEU A 106 -8.55 -5.21 -12.52
CA LEU A 106 -9.03 -5.61 -11.21
C LEU A 106 -9.79 -4.45 -10.55
N LYS A 107 -10.63 -4.80 -9.55
CA LYS A 107 -11.50 -3.83 -8.89
C LYS A 107 -11.01 -3.68 -7.46
N TRP A 108 -10.56 -2.46 -7.16
CA TRP A 108 -9.80 -2.21 -5.90
C TRP A 108 -10.67 -1.46 -4.91
N PHE A 109 -10.80 -1.97 -3.68
CA PHE A 109 -11.49 -1.23 -2.64
C PHE A 109 -10.49 -0.90 -1.54
N LYS A 110 -10.67 0.30 -1.00
CA LYS A 110 -9.75 0.77 0.03
C LYS A 110 -10.20 0.24 1.37
N ILE A 111 -9.28 -0.31 2.17
CA ILE A 111 -9.62 -0.82 3.46
C ILE A 111 -9.01 -0.02 4.61
N TRP A 112 -8.04 0.86 4.32
CA TRP A 112 -7.37 1.63 5.35
C TRP A 112 -6.63 2.79 4.72
N GLN A 113 -6.61 3.88 5.48
CA GLN A 113 -5.67 4.97 5.13
C GLN A 113 -5.39 5.81 6.37
N ASP A 114 -4.23 6.47 6.28
CA ASP A 114 -3.83 7.42 7.26
C ASP A 114 -3.24 8.62 6.52
N GLY A 115 -3.98 9.73 6.56
CA GLY A 115 -3.66 10.89 5.80
C GLY A 115 -2.94 11.96 6.61
N TYR A 116 -3.65 13.04 6.91
CA TYR A 116 -3.12 14.14 7.64
C TYR A 116 -4.13 14.49 8.74
N THR A 117 -3.62 14.73 9.94
CA THR A 117 -4.41 15.17 11.07
C THR A 117 -4.04 16.61 11.41
N PRO A 118 -4.89 17.60 11.07
CA PRO A 118 -4.56 19.01 11.30
C PRO A 118 -4.22 19.38 12.73
N ALA A 119 -4.96 18.83 13.69
CA ALA A 119 -4.78 19.25 15.09
C ALA A 119 -3.40 18.86 15.64
N THR A 120 -2.78 17.84 15.05
CA THR A 120 -1.48 17.42 15.51
C THR A 120 -0.38 17.67 14.46
N ARG A 121 -0.77 18.14 13.27
CA ARG A 121 0.10 18.41 12.12
C ARG A 121 0.86 17.13 11.74
N GLN A 122 0.24 15.97 11.92
CA GLN A 122 0.95 14.71 11.72
C GLN A 122 0.37 13.97 10.49
N TRP A 123 1.29 13.43 9.68
CA TRP A 123 0.95 12.65 8.51
C TRP A 123 1.05 11.15 8.77
N GLY A 124 0.36 10.35 7.94
CA GLY A 124 0.50 8.94 7.99
C GLY A 124 1.94 8.48 7.83
N SER A 125 2.72 9.19 6.99
CA SER A 125 4.13 8.89 6.82
C SER A 125 4.92 9.05 8.13
N ASP A 126 4.57 10.04 8.94
CA ASP A 126 5.25 10.24 10.25
C ASP A 126 4.99 9.03 11.14
N LYS A 127 3.71 8.60 11.18
CA LYS A 127 3.34 7.45 11.99
C LYS A 127 4.04 6.19 11.46
N LEU A 128 4.13 6.03 10.13
CA LEU A 128 4.82 4.88 9.58
C LEU A 128 6.28 4.87 10.06
N PHE A 129 6.89 6.05 10.02
CA PHE A 129 8.27 6.17 10.49
C PHE A 129 8.39 5.79 11.98
N ILE A 130 7.50 6.34 12.81
CA ILE A 130 7.53 6.06 14.26
C ILE A 130 7.34 4.55 14.51
N ASN A 131 6.49 3.92 13.68
CA ASN A 131 6.16 2.54 13.80
C ASN A 131 7.15 1.61 13.07
N GLY A 132 8.35 2.11 12.72
CA GLY A 132 9.39 1.30 12.15
C GLY A 132 9.01 0.64 10.82
N GLY A 133 8.15 1.34 10.07
CA GLY A 133 7.65 0.85 8.75
C GLY A 133 6.45 -0.06 8.83
N ASN A 134 5.93 -0.27 10.02
CA ASN A 134 4.74 -1.11 10.18
C ASN A 134 3.44 -0.36 9.87
N ALA A 135 2.85 -0.74 8.73
CA ALA A 135 1.49 -0.25 8.36
C ALA A 135 0.52 -1.33 8.83
N THR A 136 -0.18 -1.08 9.94
CA THR A 136 -1.01 -2.10 10.56
C THR A 136 -2.49 -1.77 10.32
N PHE A 137 -3.23 -2.78 9.86
CA PHE A 137 -4.66 -2.62 9.54
C PHE A 137 -5.34 -3.99 9.62
N THR A 138 -6.67 -3.93 9.70
CA THR A 138 -7.44 -5.17 9.77
C THR A 138 -8.08 -5.44 8.40
N ILE A 139 -8.19 -6.74 8.10
CA ILE A 139 -8.97 -7.16 6.96
C ILE A 139 -10.44 -7.13 7.35
N PRO A 140 -11.32 -6.41 6.61
CA PRO A 140 -12.73 -6.36 7.01
C PRO A 140 -13.33 -7.76 7.23
N SER A 141 -14.09 -7.90 8.33
CA SER A 141 -14.64 -9.18 8.81
CA SER A 141 -14.57 -9.22 8.76
C SER A 141 -15.68 -9.79 7.87
N CYS A 142 -16.35 -8.95 7.09
CA CYS A 142 -17.54 -9.41 6.34
C CYS A 142 -17.22 -9.88 4.91
N LEU A 143 -15.93 -9.82 4.49
CA LEU A 143 -15.58 -10.11 3.09
C LEU A 143 -15.77 -11.59 2.73
N GLN A 144 -16.13 -11.77 1.43
CA GLN A 144 -16.12 -13.05 0.79
C GLN A 144 -14.72 -13.67 0.83
N ALA A 145 -14.62 -14.90 1.33
CA ALA A 145 -13.39 -15.67 1.33
C ALA A 145 -12.89 -15.85 -0.12
N GLY A 146 -11.56 -15.91 -0.23
CA GLY A 146 -10.92 -16.20 -1.50
C GLY A 146 -9.63 -15.48 -1.70
N GLN A 147 -9.12 -15.55 -2.90
CA GLN A 147 -7.79 -14.96 -3.15
C GLN A 147 -7.93 -13.48 -3.48
N TYR A 148 -7.01 -12.67 -2.93
CA TYR A 148 -6.98 -11.25 -3.12
C TYR A 148 -5.53 -10.75 -3.27
N LEU A 149 -5.40 -9.64 -3.96
CA LEU A 149 -4.15 -8.83 -3.89
C LEU A 149 -4.40 -7.72 -2.91
N LEU A 150 -3.29 -7.40 -2.18
CA LEU A 150 -3.28 -6.42 -1.11
C LEU A 150 -2.26 -5.32 -1.51
N ARG A 151 -2.76 -4.21 -2.02
CA ARG A 151 -1.95 -3.10 -2.56
C ARG A 151 -1.76 -2.09 -1.43
N VAL A 152 -0.49 -1.92 -0.94
CA VAL A 152 -0.25 -0.99 0.13
C VAL A 152 0.76 0.04 -0.37
N GLU A 153 0.48 1.30 -0.04
CA GLU A 153 1.08 2.45 -0.73
C GLU A 153 1.40 3.55 0.27
N SER A 154 2.63 4.06 0.06
CA SER A 154 3.13 5.25 0.76
C SER A 154 3.33 6.33 -0.31
N ILE A 155 2.73 7.52 -0.15
CA ILE A 155 2.88 8.59 -1.13
C ILE A 155 3.69 9.72 -0.51
N SER A 156 4.75 10.14 -1.21
CA SER A 156 5.45 11.33 -0.77
C SER A 156 4.94 12.53 -1.56
N LEU A 157 4.56 13.57 -0.84
CA LEU A 157 4.06 14.79 -1.46
C LEU A 157 5.11 15.91 -1.46
N LEU A 158 6.36 15.55 -1.17
CA LEU A 158 7.40 16.57 -1.06
C LEU A 158 7.50 17.44 -2.33
N ASN A 159 7.38 16.81 -3.50
CA ASN A 159 7.52 17.50 -4.80
C ASN A 159 6.20 17.51 -5.57
N ALA A 160 5.07 17.53 -4.85
CA ALA A 160 3.78 17.33 -5.49
C ALA A 160 3.02 18.64 -5.82
N GLU A 161 3.71 19.79 -5.91
CA GLU A 161 3.12 21.10 -6.27
C GLU A 161 2.68 21.10 -7.74
N GLN A 162 3.27 20.21 -8.56
CA GLN A 162 2.86 19.96 -9.94
C GLN A 162 2.70 18.45 -10.14
N TYR A 163 2.13 18.08 -11.30
CA TYR A 163 2.04 16.70 -11.72
C TYR A 163 2.80 16.56 -13.04
N PRO A 164 3.69 15.56 -13.21
CA PRO A 164 4.10 14.64 -12.16
C PRO A 164 4.86 15.31 -11.00
N GLY A 165 4.83 14.66 -9.85
CA GLY A 165 5.45 15.21 -8.68
C GLY A 165 5.32 14.29 -7.49
N ALA A 166 4.06 13.93 -7.18
CA ALA A 166 3.77 12.92 -6.14
C ALA A 166 4.55 11.64 -6.47
N GLN A 167 5.11 11.03 -5.43
CA GLN A 167 5.92 9.83 -5.56
C GLN A 167 5.17 8.67 -4.87
N PHE A 168 4.88 7.62 -5.65
CA PHE A 168 4.04 6.49 -5.18
C PHE A 168 4.96 5.28 -4.95
N PHE A 169 5.01 4.83 -3.70
CA PHE A 169 5.80 3.71 -3.30
C PHE A 169 4.86 2.60 -2.86
N LEU A 170 4.80 1.55 -3.67
CA LEU A 170 3.74 0.55 -3.41
C LEU A 170 4.21 -0.82 -3.85
N SER A 171 3.60 -1.83 -3.22
CA SER A 171 3.69 -3.19 -3.68
C SER A 171 2.34 -3.88 -3.44
N CYS A 172 2.28 -5.07 -3.99
CA CYS A 172 1.11 -5.93 -3.79
C CYS A 172 1.48 -7.21 -3.03
N GLY A 173 0.76 -7.48 -1.94
CA GLY A 173 0.81 -8.74 -1.28
C GLY A 173 -0.21 -9.72 -1.88
N GLN A 174 0.04 -10.98 -1.62
CA GLN A 174 -0.74 -12.13 -2.15
C GLN A 174 -1.35 -12.82 -0.93
N ILE A 175 -2.70 -12.73 -0.82
CA ILE A 175 -3.39 -13.27 0.33
C ILE A 175 -4.59 -14.12 -0.06
N ASN A 176 -4.94 -14.95 0.90
CA ASN A 176 -6.12 -15.85 0.79
C ASN A 176 -6.92 -15.58 2.05
N ILE A 177 -8.03 -14.84 1.88
CA ILE A 177 -8.88 -14.51 2.97
C ILE A 177 -9.74 -15.73 3.30
N THR A 178 -9.70 -16.13 4.56
CA THR A 178 -10.48 -17.25 5.06
C THR A 178 -11.62 -16.77 5.97
N GLY A 179 -12.61 -17.65 6.13
CA GLY A 179 -13.75 -17.35 6.94
C GLY A 179 -14.63 -16.31 6.26
N GLY A 180 -14.87 -15.21 6.95
CA GLY A 180 -15.53 -14.09 6.36
C GLY A 180 -17.04 -14.31 6.20
N ASN A 181 -17.61 -13.56 5.27
CA ASN A 181 -19.07 -13.62 5.07
C ASN A 181 -19.26 -13.54 3.55
N LYS A 182 -20.16 -12.70 3.04
CA LYS A 182 -20.39 -12.79 1.63
C LYS A 182 -20.30 -11.42 0.95
N VAL A 183 -19.71 -10.42 1.64
CA VAL A 183 -19.67 -9.10 1.10
C VAL A 183 -18.56 -9.02 0.06
N GLN A 184 -18.90 -8.46 -1.09
CA GLN A 184 -17.97 -8.18 -2.20
C GLN A 184 -18.11 -6.71 -2.54
N PRO A 185 -17.23 -5.85 -1.97
CA PRO A 185 -17.40 -4.41 -2.13
C PRO A 185 -17.18 -3.93 -3.57
N VAL A 186 -17.81 -2.81 -3.89
CA VAL A 186 -17.55 -2.16 -5.14
C VAL A 186 -16.14 -1.57 -5.12
N GLY A 187 -15.42 -1.75 -6.22
CA GLY A 187 -14.05 -1.21 -6.28
C GLY A 187 -13.89 -0.25 -7.45
N VAL A 188 -12.68 0.28 -7.58
CA VAL A 188 -12.27 1.24 -8.58
C VAL A 188 -11.17 0.62 -9.43
N ASP A 189 -10.91 1.24 -10.57
CA ASP A 189 -9.87 0.79 -11.48
C ASP A 189 -8.53 1.42 -11.12
N PHE A 190 -7.48 0.62 -11.33
CA PHE A 190 -6.13 1.13 -11.43
C PHE A 190 -5.50 0.59 -12.70
N PRO A 191 -4.93 1.45 -13.57
CA PRO A 191 -5.04 2.90 -13.46
C PRO A 191 -6.49 3.38 -13.62
N GLY A 192 -6.75 4.60 -13.15
CA GLY A 192 -7.96 5.32 -13.35
C GLY A 192 -8.43 6.04 -12.08
N ALA A 193 -8.28 5.40 -10.91
CA ALA A 193 -8.78 5.95 -9.64
C ALA A 193 -8.06 7.26 -9.27
N TYR A 194 -6.77 7.38 -9.63
CA TYR A 194 -6.01 8.55 -9.36
C TYR A 194 -5.92 9.40 -10.62
N THR A 195 -6.20 10.71 -10.48
CA THR A 195 -6.12 11.61 -11.62
C THR A 195 -5.27 12.81 -11.25
N SER A 196 -4.78 13.51 -12.27
CA SER A 196 -3.84 14.64 -12.11
C SER A 196 -4.50 15.87 -11.51
N THR A 197 -5.83 15.88 -11.40
CA THR A 197 -6.55 17.00 -10.80
C THR A 197 -6.92 16.71 -9.33
N ASP A 198 -6.59 15.53 -8.84
CA ASP A 198 -6.94 15.14 -7.49
C ASP A 198 -6.13 15.99 -6.52
N PRO A 199 -6.74 16.74 -5.57
CA PRO A 199 -5.95 17.51 -4.62
C PRO A 199 -5.18 16.66 -3.60
N GLY A 200 -5.44 15.36 -3.56
CA GLY A 200 -4.59 14.45 -2.78
C GLY A 200 -3.30 14.09 -3.47
N ILE A 201 -3.17 14.45 -4.76
CA ILE A 201 -2.03 14.11 -5.59
C ILE A 201 -1.25 15.37 -5.99
N VAL A 202 -1.97 16.45 -6.26
CA VAL A 202 -1.31 17.71 -6.52
C VAL A 202 -1.69 18.67 -5.39
N THR A 203 -0.67 19.04 -4.62
CA THR A 203 -0.71 19.75 -3.35
C THR A 203 0.69 20.25 -2.98
N ASP A 204 0.73 21.41 -2.37
CA ASP A 204 1.92 21.99 -1.74
C ASP A 204 1.85 21.66 -0.24
N ILE A 205 2.72 20.77 0.30
CA ILE A 205 2.69 20.32 1.75
C ILE A 205 3.07 21.49 2.68
N TYR A 206 3.74 22.52 2.14
CA TYR A 206 4.02 23.71 2.93
C TYR A 206 2.81 24.67 2.85
N GLU A 207 1.71 24.24 2.21
CA GLU A 207 0.43 25.03 2.09
C GLU A 207 -0.77 24.14 2.43
N VAL A 208 -0.53 23.02 3.15
CA VAL A 208 -1.59 22.10 3.58
C VAL A 208 -2.23 22.65 4.85
N GLY A 209 -3.57 22.74 4.82
CA GLY A 209 -4.39 23.01 6.00
C GLY A 209 -5.22 21.79 6.34
N THR A 210 -5.90 21.29 5.31
CA THR A 210 -6.64 20.05 5.34
C THR A 210 -6.14 19.24 4.15
N TYR A 211 -6.36 17.92 4.23
CA TYR A 211 -5.89 17.04 3.17
C TYR A 211 -6.80 15.81 3.11
N THR A 212 -7.13 15.42 1.89
CA THR A 212 -7.89 14.24 1.65
C THR A 212 -7.05 13.32 0.76
N PRO A 213 -6.72 12.10 1.22
CA PRO A 213 -5.94 11.20 0.39
C PRO A 213 -6.72 10.85 -0.86
N PRO A 214 -6.00 10.53 -1.96
CA PRO A 214 -6.67 10.19 -3.22
C PRO A 214 -7.39 8.85 -3.15
N GLY A 215 -8.28 8.64 -4.11
CA GLY A 215 -8.98 7.42 -4.26
C GLY A 215 -10.30 7.39 -3.52
N PRO A 216 -10.99 6.25 -3.53
CA PRO A 216 -12.32 6.15 -2.94
C PRO A 216 -12.33 6.15 -1.40
N ALA A 217 -13.54 6.26 -0.86
CA ALA A 217 -13.70 6.19 0.55
C ALA A 217 -13.35 4.78 1.05
N VAL A 218 -12.89 4.72 2.31
CA VAL A 218 -12.57 3.49 2.97
C VAL A 218 -13.85 2.65 3.14
N PHE A 219 -13.74 1.40 2.71
CA PHE A 219 -14.80 0.43 2.89
C PHE A 219 -14.70 -0.15 4.30
N SER A 220 -15.85 -0.22 4.95
CA SER A 220 -15.93 -0.86 6.23
C SER A 220 -17.25 -1.64 6.30
N CYS A 221 -17.25 -2.69 7.11
CA CYS A 221 -18.40 -3.59 7.15
C CYS A 221 -19.58 -2.88 7.84
C1 NAG B . 6.62 -3.82 13.89
C2 NAG B . 6.93 -3.48 15.35
C3 NAG B . 7.67 -4.60 16.05
C4 NAG B . 7.08 -6.00 15.76
C5 NAG B . 6.90 -6.22 14.27
C6 NAG B . 6.14 -7.51 13.93
C7 NAG B . 7.31 -1.18 15.94
C8 NAG B . 8.31 -0.04 16.01
N2 NAG B . 7.78 -2.28 15.42
O3 NAG B . 7.67 -4.33 17.47
O4 NAG B . 7.99 -7.02 16.23
O5 NAG B . 6.16 -5.15 13.66
O6 NAG B . 6.62 -7.85 12.66
O7 NAG B . 6.14 -1.12 16.35
C1 NAG B . 7.45 -7.90 17.21
C2 NAG B . 8.57 -8.88 17.58
C3 NAG B . 8.00 -10.01 18.45
C4 NAG B . 7.22 -9.44 19.62
C5 NAG B . 6.30 -8.30 19.19
C6 NAG B . 5.63 -7.70 20.42
C7 NAG B . 10.31 -8.84 15.80
C8 NAG B . 11.00 -7.72 16.54
N2 NAG B . 9.17 -9.35 16.34
O3 NAG B . 9.01 -10.85 19.02
O4 NAG B . 6.47 -10.52 20.18
O5 NAG B . 6.98 -7.29 18.41
O6 NAG B . 6.00 -6.34 20.50
O7 NAG B . 10.77 -9.27 14.74
O1 XYP C . 3.73 -16.05 -7.73
C1 XYP C . 4.27 -15.28 -8.82
C2 XYP C . 4.09 -16.00 -10.17
C3 XYP C . 4.42 -15.06 -11.36
C4 XYP C . 3.67 -13.74 -11.19
C5 XYP C . 3.98 -13.12 -9.88
O2 XYP C . 4.85 -17.23 -10.30
O3 XYP C . 4.00 -15.63 -12.62
O4 XYP C . 3.93 -12.73 -12.18
O5 XYP C . 3.52 -14.03 -8.88
C1 XYP C . 5.23 -12.29 -12.48
C2 XYP C . 5.54 -12.51 -13.96
C3 XYP C . 6.81 -11.76 -14.38
C4 XYP C . 6.72 -10.33 -13.89
C5 XYP C . 6.50 -10.31 -12.41
O2 XYP C . 5.63 -13.92 -14.17
O3 XYP C . 6.90 -11.80 -15.80
O4 XYP C . 7.91 -9.61 -14.22
O5 XYP C . 5.23 -10.92 -12.08
C1 XYP C . 7.61 -8.28 -14.71
C2 XYP C . 8.87 -7.44 -14.48
C3 XYP C . 8.63 -6.03 -15.03
C4 XYP C . 8.17 -6.11 -16.48
C5 XYP C . 6.92 -6.97 -16.56
O2 XYP C . 9.17 -7.57 -13.10
O3 XYP C . 9.86 -5.32 -15.00
O4 XYP C . 7.91 -4.83 -17.11
O5 XYP C . 7.24 -8.29 -16.10
C1 XYP C . 7.96 -4.84 -18.54
C2 XYP C . 6.62 -4.41 -19.16
C3 XYP C . 6.71 -4.28 -20.68
C4 XYP C . 7.81 -3.27 -21.00
C5 XYP C . 9.06 -3.87 -20.42
O2 XYP C . 5.61 -5.36 -18.81
O3 XYP C . 5.47 -3.91 -21.28
O4 XYP C . 8.02 -3.04 -22.39
O5 XYP C . 9.01 -3.97 -19.02
C1 MAN D . -5.56 -7.92 15.03
C2 MAN D . -6.99 -7.61 15.43
C3 MAN D . -7.11 -6.15 15.87
C4 MAN D . -6.15 -5.81 16.98
C5 MAN D . -4.74 -6.18 16.58
C6 MAN D . -3.86 -6.04 17.82
O2 MAN D . -7.37 -8.48 16.52
O3 MAN D . -8.45 -5.97 16.30
O4 MAN D . -6.08 -4.41 17.34
O5 MAN D . -4.66 -7.51 16.06
O6 MAN D . -2.58 -6.58 17.48
N1 BCN E . 16.40 -8.94 -10.44
C1 BCN E . 16.27 -10.24 -9.69
C2 BCN E . 17.23 -11.38 -10.04
O21 BCN E . 18.10 -11.78 -9.22
O22 BCN E . 17.08 -11.92 -11.18
C3 BCN E . 17.56 -8.91 -11.38
C4 BCN E . 18.10 -7.50 -11.69
O4 BCN E . 17.16 -6.40 -11.78
C5 BCN E . 15.10 -8.58 -11.03
C6 BCN E . 15.11 -7.65 -12.25
O6 BCN E . 14.32 -6.47 -11.98
#